data_7VR7
#
_entry.id   7VR7
#
_cell.length_a   1.00
_cell.length_b   1.00
_cell.length_c   1.00
_cell.angle_alpha   90.00
_cell.angle_beta   90.00
_cell.angle_gamma   90.00
#
_symmetry.space_group_name_H-M   'P 1'
#
loop_
_entity.id
_entity.type
_entity.pdbx_description
1 polymer 'Excitatory amino acid transporter 2'
2 non-polymer '(2S)-2-azanyl-4-[[4-[2-bromanyl-4,5-bis(fluoranyl)phenoxy]phenyl]amino]-4-oxidanylidene-butanoic acid'
3 non-polymer (3beta,14beta,17beta,25R)-3-[4-methoxy-3-(methoxymethyl)butoxy]spirost-5-en
4 non-polymer CHOLESTEROL
5 non-polymer 1,2-DIACYL-SN-GLYCERO-3-PHOSPHOCHOLINE
#
_entity_poly.entity_id   1
_entity_poly.type   'polypeptide(L)'
_entity_poly.pdbx_seq_one_letter_code
;MASTEGANNMPKQVEVRMHDSHLGSEEPKHRHLGLRLCDKLGKNLLLTLTVFGVILGAVCGGLLRLASPIHPDVVMLIAF
PGDILMRMLKMLILPLIISSLITGLSGLDAKASGRLGTRAMVYYMSTTIIAAVLGVILVLAIHPGNPKLKKQLGPGKKND
EVSSLDAFLDLIRNLFPENLVQACFQQIQTVTKKVLVAPPPDEEANATSAVVSLLNETVTEVPEETKMVIKKGLEFKDGM
NVLGLIGFFIAFGIAMGKMGDQAKLMVDFFNILNEIVMKLVIMIMWYSPLGIACLICGKIIAIKDLEVVARQLGMYMVTV
IIGLIIHGGIFLPLIYFVVTRKNPFSFFAGIFQAWITALGTASSAGTLPVTFRCLEENLGIDKRVTRFVLPVGATINMDG
TALYEAVAAIFIAQMNGVVLDGGQIVTVSLTATLASVGAASIPSAGLVTMLLILTAVGLPTEDISLLVAVDWLLDRMRTS
VNVVGDSFGAGIVYHLSKSELDTIDSQHRVHEDIEMTKTQSIYDDMKNHRESNSNQCVYAAHNSVIVDECKVTLAANGKS
ADCSVEEEPWKREKENLYFQG
;
_entity_poly.pdbx_strand_id   A
#
# COMPACT_ATOMS: atom_id res chain seq x y z
N ASN A 44 -16.08 -6.01 -9.59
CA ASN A 44 -16.92 -5.73 -8.38
C ASN A 44 -17.90 -4.58 -8.66
N LEU A 45 -19.08 -4.62 -8.07
CA LEU A 45 -20.08 -3.51 -8.17
C LEU A 45 -19.44 -2.20 -7.69
N LEU A 46 -18.74 -2.28 -6.57
CA LEU A 46 -18.01 -1.14 -5.97
C LEU A 46 -16.96 -0.65 -6.96
N LEU A 47 -16.26 -1.58 -7.61
CA LEU A 47 -15.28 -1.24 -8.68
C LEU A 47 -15.98 -0.54 -9.85
N THR A 48 -17.14 -1.05 -10.27
CA THR A 48 -17.94 -0.42 -11.34
C THR A 48 -18.44 0.95 -10.85
N LEU A 49 -19.02 0.98 -9.65
CA LEU A 49 -19.57 2.22 -9.04
C LEU A 49 -18.49 3.28 -8.85
N THR A 50 -17.26 2.88 -8.50
CA THR A 50 -16.20 3.88 -8.19
C THR A 50 -15.75 4.50 -9.49
N VAL A 51 -15.82 3.75 -10.57
CA VAL A 51 -15.36 4.28 -11.87
C VAL A 51 -16.47 5.12 -12.47
N PHE A 52 -17.72 4.66 -12.44
CA PHE A 52 -18.87 5.55 -12.75
C PHE A 52 -18.69 6.85 -11.94
N GLY A 53 -18.44 6.69 -10.64
CA GLY A 53 -18.25 7.81 -9.71
C GLY A 53 -17.20 8.78 -10.22
N VAL A 54 -16.03 8.27 -10.63
CA VAL A 54 -14.91 9.10 -11.16
C VAL A 54 -15.41 9.83 -12.40
N ILE A 55 -16.08 9.12 -13.29
CA ILE A 55 -16.61 9.74 -14.53
C ILE A 55 -17.62 10.81 -14.17
N LEU A 56 -18.68 10.41 -13.49
CA LEU A 56 -19.78 11.33 -13.07
C LEU A 56 -19.20 12.60 -12.49
N GLY A 57 -18.07 12.49 -11.80
CA GLY A 57 -17.40 13.60 -11.13
C GLY A 57 -16.47 14.36 -12.02
N ALA A 58 -15.86 13.66 -12.97
CA ALA A 58 -14.98 14.26 -14.00
C ALA A 58 -15.83 15.12 -14.93
N VAL A 59 -16.93 14.55 -15.40
CA VAL A 59 -17.86 15.26 -16.33
C VAL A 59 -18.46 16.43 -15.55
N CYS A 60 -18.98 16.18 -14.35
CA CYS A 60 -19.63 17.23 -13.55
C CYS A 60 -18.59 18.30 -13.22
N GLY A 61 -17.31 17.92 -13.15
CA GLY A 61 -16.23 18.83 -12.79
C GLY A 61 -15.91 19.77 -13.92
N GLY A 62 -15.87 19.25 -15.15
CA GLY A 62 -15.68 20.05 -16.37
C GLY A 62 -16.85 20.96 -16.62
N LEU A 63 -18.06 20.40 -16.70
CA LEU A 63 -19.33 21.18 -16.86
C LEU A 63 -19.25 22.44 -15.98
N LEU A 64 -18.97 22.25 -14.69
CA LEU A 64 -18.85 23.38 -13.73
C LEU A 64 -17.62 24.23 -14.06
N ARG A 65 -16.47 23.61 -14.34
CA ARG A 65 -15.22 24.34 -14.64
C ARG A 65 -15.40 25.21 -15.89
N LEU A 66 -16.01 24.64 -16.95
CA LEU A 66 -16.28 25.38 -18.21
C LEU A 66 -17.47 26.31 -18.01
N ALA A 67 -18.37 26.00 -17.06
CA ALA A 67 -19.60 26.80 -16.85
C ALA A 67 -19.24 28.25 -16.52
N SER A 68 -18.40 28.47 -15.51
CA SER A 68 -17.96 29.81 -15.01
C SER A 68 -17.09 29.65 -13.77
N PRO A 69 -16.33 30.69 -13.34
CA PRO A 69 -15.59 30.64 -12.07
C PRO A 69 -16.53 30.31 -10.89
N ILE A 70 -16.19 29.28 -10.12
CA ILE A 70 -17.02 28.78 -8.99
C ILE A 70 -16.47 29.40 -7.71
N HIS A 71 -17.27 30.27 -7.07
CA HIS A 71 -16.92 30.90 -5.76
C HIS A 71 -16.30 29.86 -4.82
N PRO A 72 -15.09 30.11 -4.23
CA PRO A 72 -14.42 29.13 -3.37
C PRO A 72 -15.26 28.40 -2.31
N ASP A 73 -16.25 29.09 -1.75
CA ASP A 73 -17.18 28.46 -0.77
C ASP A 73 -18.09 27.46 -1.48
N VAL A 74 -18.31 27.57 -2.80
CA VAL A 74 -19.12 26.59 -3.56
C VAL A 74 -18.24 25.42 -3.95
N VAL A 75 -16.93 25.59 -4.08
CA VAL A 75 -16.03 24.45 -4.40
C VAL A 75 -15.86 23.67 -3.12
N MET A 76 -15.55 24.38 -2.03
CA MET A 76 -15.47 23.77 -0.68
C MET A 76 -16.65 22.83 -0.50
N LEU A 77 -17.84 23.35 -0.77
CA LEU A 77 -19.04 22.51 -0.68
C LEU A 77 -19.09 21.38 -1.68
N ILE A 78 -18.62 21.55 -2.92
CA ILE A 78 -18.74 20.42 -3.91
C ILE A 78 -17.82 19.30 -3.43
N ALA A 79 -16.65 19.67 -2.92
CA ALA A 79 -15.62 18.76 -2.38
C ALA A 79 -16.12 18.06 -1.11
N PHE A 80 -16.87 18.79 -0.28
CA PHE A 80 -17.08 18.47 1.14
C PHE A 80 -17.50 17.03 1.43
N PRO A 81 -18.45 16.41 0.72
CA PRO A 81 -18.75 15.00 0.95
C PRO A 81 -17.55 14.05 0.78
N GLY A 82 -16.51 14.53 0.11
CA GLY A 82 -15.31 13.76 -0.19
C GLY A 82 -14.33 13.87 0.92
N ASP A 83 -14.24 15.06 1.51
CA ASP A 83 -13.58 15.27 2.80
C ASP A 83 -14.21 14.37 3.87
N ILE A 84 -15.53 14.28 3.92
CA ILE A 84 -16.17 13.32 4.88
C ILE A 84 -15.61 11.90 4.67
N LEU A 85 -15.51 11.44 3.43
CA LEU A 85 -14.90 10.10 3.14
C LEU A 85 -13.47 9.97 3.68
N MET A 86 -12.67 10.99 3.56
CA MET A 86 -11.28 10.88 4.03
C MET A 86 -11.29 10.81 5.56
N ARG A 87 -12.07 11.69 6.18
CA ARG A 87 -12.29 11.71 7.64
C ARG A 87 -12.77 10.33 8.07
N MET A 88 -13.80 9.76 7.45
CA MET A 88 -14.30 8.44 7.94
C MET A 88 -13.23 7.36 7.76
N LEU A 89 -12.29 7.49 6.83
CA LEU A 89 -11.32 6.39 6.65
C LEU A 89 -10.21 6.61 7.65
N LYS A 90 -9.64 7.79 7.64
CA LYS A 90 -8.65 8.13 8.68
C LYS A 90 -9.14 7.74 10.07
N MET A 91 -10.43 7.79 10.35
CA MET A 91 -10.90 7.46 11.70
C MET A 91 -10.69 5.98 11.96
N LEU A 92 -10.58 5.17 10.94
CA LEU A 92 -10.47 3.72 11.12
C LEU A 92 -9.03 3.31 11.12
N ILE A 93 -8.11 4.15 10.69
CA ILE A 93 -6.68 3.74 10.63
C ILE A 93 -6.25 3.15 11.98
N LEU A 94 -6.37 3.91 13.06
CA LEU A 94 -5.87 3.49 14.39
C LEU A 94 -6.46 2.15 14.82
N PRO A 95 -7.80 1.99 14.91
CA PRO A 95 -8.34 0.71 15.29
C PRO A 95 -7.98 -0.41 14.30
N LEU A 96 -7.75 -0.12 13.01
CA LEU A 96 -7.28 -1.16 12.06
C LEU A 96 -5.87 -1.63 12.40
N ILE A 97 -4.96 -0.69 12.64
CA ILE A 97 -3.54 -1.03 12.91
C ILE A 97 -3.50 -1.90 14.15
N ILE A 98 -4.19 -1.49 15.21
CA ILE A 98 -4.13 -2.25 16.48
C ILE A 98 -4.82 -3.61 16.27
N SER A 99 -6.08 -3.61 15.87
CA SER A 99 -6.81 -4.88 15.60
C SER A 99 -5.95 -5.75 14.68
N SER A 100 -5.67 -5.29 13.46
CA SER A 100 -4.91 -6.05 12.44
C SER A 100 -3.62 -6.64 13.04
N LEU A 101 -2.72 -5.80 13.55
CA LEU A 101 -1.40 -6.30 14.05
C LEU A 101 -1.62 -7.42 15.06
N ILE A 102 -2.43 -7.17 16.09
CA ILE A 102 -2.60 -8.13 17.21
C ILE A 102 -3.20 -9.43 16.65
N THR A 103 -4.21 -9.35 15.79
CA THR A 103 -4.90 -10.56 15.27
C THR A 103 -3.93 -11.36 14.39
N GLY A 104 -3.09 -10.69 13.60
CA GLY A 104 -2.14 -11.36 12.69
C GLY A 104 -0.98 -12.00 13.43
N LEU A 105 -0.19 -11.20 14.12
CA LEU A 105 1.02 -11.67 14.82
C LEU A 105 0.74 -12.67 15.92
N SER A 106 -0.48 -12.80 16.44
CA SER A 106 -0.74 -13.77 17.54
C SER A 106 -1.55 -14.92 16.97
N GLY A 107 -2.78 -14.64 16.53
CA GLY A 107 -3.73 -15.65 16.01
C GLY A 107 -3.09 -16.54 14.94
N LEU A 108 -2.43 -15.93 13.96
CA LEU A 108 -1.91 -16.65 12.76
C LEU A 108 -0.38 -16.83 12.87
N ASP A 109 0.20 -16.99 14.07
CA ASP A 109 1.61 -17.46 14.21
C ASP A 109 1.64 -18.64 15.20
N GLY A 114 7.14 -23.23 9.66
CA GLY A 114 8.35 -24.06 9.70
C GLY A 114 9.48 -23.49 8.84
N ARG A 115 10.38 -24.34 8.37
CA ARG A 115 11.49 -23.90 7.50
C ARG A 115 10.91 -23.18 6.27
N LEU A 116 10.03 -23.86 5.53
CA LEU A 116 9.31 -23.26 4.38
C LEU A 116 8.64 -21.93 4.78
N GLY A 117 8.04 -21.88 5.97
CA GLY A 117 7.34 -20.70 6.48
C GLY A 117 8.30 -19.53 6.59
N THR A 118 9.47 -19.75 7.19
CA THR A 118 10.52 -18.71 7.31
C THR A 118 11.00 -18.39 5.90
N ARG A 119 11.27 -19.43 5.12
CA ARG A 119 11.71 -19.25 3.72
C ARG A 119 10.71 -18.34 3.01
N ALA A 120 9.44 -18.68 3.06
CA ALA A 120 8.37 -17.87 2.43
C ALA A 120 8.41 -16.46 3.03
N MET A 121 8.20 -16.36 4.34
CA MET A 121 8.01 -15.05 5.02
C MET A 121 9.24 -14.17 4.75
N VAL A 122 10.45 -14.72 4.86
CA VAL A 122 11.70 -13.93 4.58
C VAL A 122 11.68 -13.45 3.12
N TYR A 123 11.19 -14.28 2.20
CA TYR A 123 11.11 -13.91 0.76
C TYR A 123 10.12 -12.75 0.59
N TYR A 124 8.87 -12.96 1.01
CA TYR A 124 7.79 -11.95 0.85
C TYR A 124 8.26 -10.59 1.33
N MET A 125 8.69 -10.52 2.59
CA MET A 125 9.10 -9.24 3.20
C MET A 125 10.26 -8.60 2.44
N SER A 126 11.29 -9.37 2.09
CA SER A 126 12.45 -8.82 1.35
C SER A 126 11.99 -8.20 0.01
N THR A 127 11.23 -8.97 -0.77
CA THR A 127 10.79 -8.53 -2.12
C THR A 127 9.93 -7.27 -1.97
N THR A 128 9.02 -7.24 -1.00
CA THR A 128 8.09 -6.09 -0.77
C THR A 128 8.91 -4.83 -0.45
N ILE A 129 9.90 -4.92 0.43
CA ILE A 129 10.75 -3.74 0.76
C ILE A 129 11.55 -3.34 -0.49
N ILE A 130 12.01 -4.29 -1.29
CA ILE A 130 12.74 -3.99 -2.55
C ILE A 130 11.82 -3.15 -3.44
N ALA A 131 10.57 -3.58 -3.62
CA ALA A 131 9.59 -2.90 -4.50
C ALA A 131 9.27 -1.50 -3.95
N ALA A 132 9.13 -1.38 -2.63
CA ALA A 132 8.83 -0.09 -1.95
C ALA A 132 9.97 0.89 -2.19
N VAL A 133 11.20 0.45 -1.92
CA VAL A 133 12.42 1.30 -2.16
C VAL A 133 12.54 1.61 -3.65
N LEU A 134 12.34 0.63 -4.52
CA LEU A 134 12.41 0.89 -5.98
C LEU A 134 11.42 2.00 -6.34
N GLY A 135 10.17 1.83 -5.89
CA GLY A 135 9.12 2.87 -5.91
C GLY A 135 9.71 4.20 -5.52
N VAL A 136 10.25 4.29 -4.32
CA VAL A 136 10.82 5.57 -3.80
C VAL A 136 11.93 6.10 -4.73
N ILE A 137 12.93 5.29 -5.05
CA ILE A 137 14.06 5.68 -5.95
C ILE A 137 13.48 6.21 -7.25
N LEU A 138 12.60 5.44 -7.89
CA LEU A 138 12.03 5.80 -9.20
C LEU A 138 11.26 7.11 -9.17
N VAL A 139 10.37 7.28 -8.20
CA VAL A 139 9.49 8.48 -8.11
C VAL A 139 10.36 9.69 -7.85
N LEU A 140 11.43 9.54 -7.10
CA LEU A 140 12.28 10.71 -6.78
C LEU A 140 13.10 11.08 -8.01
N ALA A 141 13.59 10.08 -8.76
CA ALA A 141 14.37 10.28 -10.01
C ALA A 141 13.48 10.92 -11.07
N ILE A 142 12.41 10.24 -11.49
CA ILE A 142 11.48 10.74 -12.55
C ILE A 142 10.74 11.96 -12.01
N HIS A 143 10.44 12.04 -10.70
CA HIS A 143 9.81 13.24 -10.08
C HIS A 143 8.60 13.69 -10.91
N PRO A 144 7.49 12.92 -10.94
CA PRO A 144 6.29 13.30 -11.70
C PRO A 144 5.41 14.40 -11.06
N GLY A 145 5.93 15.32 -10.26
CA GLY A 145 5.13 16.34 -9.56
C GLY A 145 5.75 17.74 -9.60
N ASN A 146 4.94 18.78 -9.79
CA ASN A 146 5.38 20.21 -9.74
C ASN A 146 4.36 20.98 -8.91
N PRO A 147 4.74 21.89 -7.95
CA PRO A 147 3.78 22.58 -7.09
C PRO A 147 2.61 23.33 -7.77
N SER A 163 20.70 18.33 10.20
CA SER A 163 19.31 18.27 9.67
C SER A 163 19.01 16.89 9.08
N SER A 164 19.88 16.39 8.19
CA SER A 164 19.73 15.04 7.58
C SER A 164 19.74 13.97 8.68
N LEU A 165 20.80 13.93 9.47
CA LEU A 165 20.93 13.06 10.67
C LEU A 165 19.70 13.26 11.58
N ASP A 166 19.33 14.52 11.83
CA ASP A 166 18.17 14.87 12.69
C ASP A 166 16.93 14.18 12.14
N ALA A 167 16.73 14.27 10.83
CA ALA A 167 15.61 13.58 10.13
C ALA A 167 15.63 12.08 10.46
N PHE A 168 16.81 11.46 10.50
CA PHE A 168 16.93 10.01 10.79
C PHE A 168 16.72 9.74 12.28
N LEU A 169 17.28 10.58 13.15
CA LEU A 169 17.15 10.41 14.62
C LEU A 169 15.70 10.68 15.04
N ASP A 170 15.05 11.68 14.43
CA ASP A 170 13.61 11.94 14.67
C ASP A 170 12.79 10.70 14.28
N LEU A 171 13.17 10.06 13.18
CA LEU A 171 12.52 8.82 12.70
C LEU A 171 12.71 7.72 13.75
N ILE A 172 13.96 7.51 14.16
CA ILE A 172 14.26 6.46 15.16
C ILE A 172 13.55 6.84 16.46
N ARG A 173 13.71 8.07 16.92
CA ARG A 173 12.91 8.56 18.08
C ARG A 173 11.44 8.18 17.87
N ASN A 174 10.83 8.55 16.74
CA ASN A 174 9.38 8.29 16.54
C ASN A 174 9.06 6.79 16.53
N LEU A 175 10.00 5.93 16.19
CA LEU A 175 9.77 4.47 16.35
C LEU A 175 9.59 4.07 17.82
N PHE A 176 10.15 4.79 18.76
CA PHE A 176 10.00 4.49 20.20
C PHE A 176 9.29 5.69 20.79
N PRO A 177 7.97 5.75 20.72
CA PRO A 177 7.28 6.88 21.32
C PRO A 177 7.27 6.79 22.85
N GLU A 178 7.78 7.82 23.51
CA GLU A 178 7.69 8.03 24.98
C GLU A 178 6.29 7.72 25.52
N ASN A 179 5.22 7.97 24.75
CA ASN A 179 3.81 7.84 25.19
C ASN A 179 2.93 7.28 24.07
N LEU A 180 2.19 6.21 24.33
CA LEU A 180 1.25 5.61 23.33
C LEU A 180 0.07 6.51 23.00
N VAL A 181 -0.72 7.04 23.92
CA VAL A 181 -1.84 7.95 23.51
C VAL A 181 -1.31 9.10 22.61
N GLN A 182 -0.14 9.63 22.98
CA GLN A 182 0.46 10.75 22.23
C GLN A 182 0.99 10.26 20.88
N ALA A 183 1.48 9.01 20.79
CA ALA A 183 1.89 8.41 19.50
C ALA A 183 0.66 8.41 18.58
N CYS A 184 -0.52 8.16 19.16
CA CYS A 184 -1.80 8.06 18.40
C CYS A 184 -2.16 9.33 17.61
N PHE A 185 -1.75 10.51 18.06
CA PHE A 185 -2.12 11.78 17.37
C PHE A 185 -0.95 12.75 17.19
N GLN A 186 0.27 12.44 17.65
CA GLN A 186 1.40 13.41 17.62
C GLN A 186 2.74 12.68 17.43
N GLN A 187 3.70 13.33 16.79
CA GLN A 187 5.04 12.76 16.50
C GLN A 187 6.11 13.79 16.84
N ILE A 188 7.29 13.31 17.19
CA ILE A 188 8.41 14.18 17.65
C ILE A 188 9.09 14.76 16.41
N GLN A 189 9.72 15.91 16.60
CA GLN A 189 10.47 16.64 15.54
C GLN A 189 11.68 17.30 16.18
N THR A 190 12.78 17.48 15.45
CA THR A 190 13.89 18.35 15.93
C THR A 190 13.60 19.77 15.42
N VAL A 191 13.92 20.78 16.23
CA VAL A 191 13.82 22.21 15.86
C VAL A 191 15.10 22.96 16.23
N THR A 192 15.49 23.92 15.40
CA THR A 192 16.72 24.73 15.54
C THR A 192 16.35 26.06 16.21
N LYS A 193 17.09 26.44 17.25
CA LYS A 193 16.86 27.68 18.04
C LYS A 193 18.16 28.45 18.17
N ILE A 230 22.46 28.20 17.33
CA ILE A 230 22.10 26.88 16.73
C ILE A 230 21.92 25.85 17.86
N LYS A 231 20.90 26.06 18.69
CA LYS A 231 20.53 25.18 19.84
C LYS A 231 19.33 24.33 19.43
N LYS A 232 19.56 23.03 19.19
CA LYS A 232 18.51 22.07 18.75
C LYS A 232 17.61 21.68 19.94
N GLY A 233 16.32 21.47 19.66
CA GLY A 233 15.32 20.92 20.60
C GLY A 233 14.41 19.91 19.94
N LEU A 234 13.90 18.97 20.74
CA LEU A 234 12.72 18.16 20.34
C LEU A 234 11.44 18.93 20.64
N GLU A 235 10.47 18.84 19.75
CA GLU A 235 9.14 19.47 19.87
C GLU A 235 8.12 18.51 19.28
N PHE A 236 6.87 18.51 19.74
CA PHE A 236 5.81 17.70 19.11
C PHE A 236 5.30 18.39 17.85
N LYS A 237 4.63 17.62 17.03
CA LYS A 237 4.00 18.10 15.80
C LYS A 237 2.76 17.26 15.63
N ASP A 238 1.78 17.81 14.98
CA ASP A 238 0.50 17.11 14.84
C ASP A 238 0.73 16.06 13.78
N GLY A 239 0.24 14.86 14.04
CA GLY A 239 0.40 13.74 13.11
C GLY A 239 0.62 12.45 13.84
N MET A 240 -0.31 11.49 13.67
CA MET A 240 -0.28 10.16 14.35
C MET A 240 1.09 9.52 14.10
N ASN A 241 1.79 9.13 15.15
CA ASN A 241 3.05 8.38 15.05
C ASN A 241 2.69 6.95 14.65
N VAL A 242 2.56 6.68 13.35
CA VAL A 242 2.11 5.36 12.82
C VAL A 242 3.21 4.31 13.06
N LEU A 243 4.44 4.60 12.64
CA LEU A 243 5.56 3.63 12.75
C LEU A 243 5.80 3.27 14.22
N GLY A 244 5.84 4.27 15.10
CA GLY A 244 5.99 4.03 16.54
C GLY A 244 4.89 3.12 17.07
N LEU A 245 3.64 3.47 16.76
CA LEU A 245 2.46 2.67 17.17
C LEU A 245 2.56 1.24 16.65
N ILE A 246 2.90 1.09 15.37
CA ILE A 246 3.02 -0.25 14.73
C ILE A 246 4.07 -1.07 15.49
N GLY A 247 5.23 -0.47 15.75
CA GLY A 247 6.35 -1.12 16.45
C GLY A 247 5.92 -1.60 17.81
N PHE A 248 5.24 -0.73 18.55
CA PHE A 248 4.67 -1.11 19.88
C PHE A 248 3.74 -2.29 19.68
N PHE A 249 2.87 -2.23 18.68
CA PHE A 249 1.86 -3.30 18.53
C PHE A 249 2.43 -4.55 17.89
N ILE A 250 3.55 -4.49 17.17
CA ILE A 250 4.29 -5.72 16.78
C ILE A 250 4.84 -6.37 18.05
N ALA A 251 5.55 -5.63 18.89
CA ALA A 251 6.10 -6.22 20.14
C ALA A 251 4.98 -6.78 21.00
N PHE A 252 3.97 -5.96 21.23
CA PHE A 252 2.75 -6.35 21.94
C PHE A 252 2.19 -7.66 21.37
N GLY A 253 2.07 -7.72 20.05
CA GLY A 253 1.44 -8.84 19.34
C GLY A 253 2.29 -10.11 19.35
N ILE A 254 3.61 -9.98 19.29
CA ILE A 254 4.55 -11.13 19.36
C ILE A 254 4.52 -11.64 20.81
N ALA A 255 4.69 -10.73 21.78
CA ALA A 255 4.64 -11.06 23.24
C ALA A 255 3.37 -11.87 23.53
N MET A 256 2.24 -11.48 22.95
CA MET A 256 0.96 -12.21 23.15
C MET A 256 1.02 -13.61 22.55
N GLY A 257 1.61 -13.77 21.36
CA GLY A 257 1.85 -15.12 20.79
C GLY A 257 2.68 -15.97 21.72
N LYS A 258 3.74 -15.38 22.26
CA LYS A 258 4.63 -16.11 23.19
C LYS A 258 3.88 -16.41 24.49
N MET A 259 2.65 -15.97 24.64
CA MET A 259 1.82 -16.36 25.79
C MET A 259 0.92 -17.54 25.43
N GLY A 260 0.70 -17.82 24.14
CA GLY A 260 -0.03 -19.01 23.70
C GLY A 260 -1.51 -18.85 24.01
N ASP A 261 -2.09 -19.83 24.65
CA ASP A 261 -3.53 -19.82 24.99
C ASP A 261 -3.74 -19.05 26.27
N GLN A 262 -2.67 -18.81 27.01
CA GLN A 262 -2.79 -17.97 28.22
C GLN A 262 -3.35 -16.60 27.83
N ALA A 263 -3.05 -16.15 26.62
CA ALA A 263 -3.62 -14.90 26.07
C ALA A 263 -4.88 -15.11 25.22
N LYS A 264 -5.61 -16.23 25.28
CA LYS A 264 -6.70 -16.47 24.28
C LYS A 264 -7.82 -15.44 24.41
N LEU A 265 -8.22 -15.10 25.62
CA LEU A 265 -9.22 -14.02 25.83
C LEU A 265 -8.77 -12.70 25.20
N MET A 266 -7.49 -12.39 25.15
CA MET A 266 -7.06 -11.09 24.61
C MET A 266 -6.99 -11.24 23.11
N VAL A 267 -6.62 -12.42 22.65
CA VAL A 267 -6.68 -12.67 21.19
C VAL A 267 -8.13 -12.50 20.72
N ASP A 268 -9.04 -13.25 21.32
CA ASP A 268 -10.49 -13.17 21.00
C ASP A 268 -10.97 -11.75 21.06
N PHE A 269 -10.64 -11.02 22.11
CA PHE A 269 -11.12 -9.63 22.19
C PHE A 269 -10.72 -8.86 20.94
N PHE A 270 -9.47 -8.96 20.51
CA PHE A 270 -8.92 -8.21 19.36
C PHE A 270 -9.32 -8.81 18.02
N ASN A 271 -9.70 -10.09 17.93
CA ASN A 271 -10.38 -10.57 16.71
C ASN A 271 -11.70 -9.80 16.60
N ILE A 272 -12.60 -9.92 17.57
CA ILE A 272 -13.90 -9.21 17.45
C ILE A 272 -13.65 -7.77 17.03
N LEU A 273 -12.72 -7.07 17.67
CA LEU A 273 -12.48 -5.66 17.29
C LEU A 273 -12.11 -5.55 15.81
N ASN A 274 -11.38 -6.52 15.31
CA ASN A 274 -10.97 -6.51 13.90
C ASN A 274 -12.19 -6.71 13.02
N GLU A 275 -12.91 -7.78 13.23
CA GLU A 275 -14.19 -8.02 12.55
C GLU A 275 -15.11 -6.79 12.49
N ILE A 276 -15.28 -6.09 13.60
CA ILE A 276 -16.10 -4.86 13.65
C ILE A 276 -15.44 -3.84 12.76
N VAL A 277 -14.20 -3.56 13.06
CA VAL A 277 -13.54 -2.43 12.36
C VAL A 277 -13.56 -2.69 10.86
N MET A 278 -13.45 -3.93 10.45
CA MET A 278 -13.61 -4.31 9.04
C MET A 278 -15.05 -4.20 8.53
N LYS A 279 -16.10 -4.55 9.28
CA LYS A 279 -17.47 -4.20 8.81
C LYS A 279 -17.56 -2.69 8.56
N LEU A 280 -17.02 -1.84 9.43
CA LEU A 280 -17.03 -0.40 9.11
C LEU A 280 -16.22 -0.08 7.85
N VAL A 281 -15.02 -0.64 7.60
CA VAL A 281 -14.28 -0.17 6.38
C VAL A 281 -15.08 -0.62 5.17
N ILE A 282 -15.79 -1.72 5.27
CA ILE A 282 -16.70 -2.07 4.15
C ILE A 282 -17.86 -1.07 4.00
N MET A 283 -18.62 -0.81 5.05
CA MET A 283 -19.76 0.16 5.02
C MET A 283 -19.29 1.48 4.38
N ILE A 284 -18.19 2.04 4.88
CA ILE A 284 -17.67 3.35 4.39
C ILE A 284 -17.31 3.25 2.92
N MET A 285 -16.70 2.14 2.50
CA MET A 285 -16.31 2.00 1.07
C MET A 285 -17.52 2.02 0.13
N TRP A 286 -18.73 1.72 0.60
CA TRP A 286 -19.95 1.87 -0.22
C TRP A 286 -20.28 3.34 -0.48
N TYR A 287 -19.94 4.25 0.45
CA TYR A 287 -20.08 5.72 0.26
C TYR A 287 -18.92 6.28 -0.58
N SER A 288 -17.91 5.48 -0.89
CA SER A 288 -16.65 5.89 -1.54
C SER A 288 -16.84 6.44 -2.94
N PRO A 289 -17.62 5.79 -3.82
CA PRO A 289 -17.88 6.34 -5.16
C PRO A 289 -18.39 7.78 -5.16
N LEU A 290 -19.44 8.07 -4.38
CA LEU A 290 -19.96 9.45 -4.20
C LEU A 290 -18.90 10.37 -3.63
N GLY A 291 -18.17 9.92 -2.60
CA GLY A 291 -17.09 10.72 -1.98
C GLY A 291 -15.95 10.92 -2.97
N ILE A 292 -15.63 9.90 -3.78
CA ILE A 292 -14.58 10.04 -4.82
C ILE A 292 -15.08 11.05 -5.84
N ALA A 293 -16.29 10.82 -6.37
CA ALA A 293 -16.97 11.75 -7.31
C ALA A 293 -16.72 13.18 -6.82
N CYS A 294 -17.11 13.48 -5.59
CA CYS A 294 -17.07 14.87 -5.08
C CYS A 294 -15.64 15.39 -4.97
N LEU A 295 -14.68 14.56 -4.58
CA LEU A 295 -13.26 14.98 -4.52
C LEU A 295 -12.73 15.41 -5.88
N ILE A 296 -12.99 14.58 -6.87
CA ILE A 296 -12.59 14.77 -8.29
C ILE A 296 -13.29 16.01 -8.81
N CYS A 297 -14.62 16.02 -8.75
CA CYS A 297 -15.45 17.19 -9.13
C CYS A 297 -14.82 18.46 -8.54
N GLY A 298 -14.48 18.42 -7.25
CA GLY A 298 -13.81 19.52 -6.55
C GLY A 298 -12.37 19.78 -6.98
N LYS A 299 -11.69 18.80 -7.58
CA LYS A 299 -10.25 18.94 -7.94
C LYS A 299 -10.14 19.62 -9.29
N ILE A 300 -10.98 19.19 -10.22
CA ILE A 300 -11.04 19.75 -11.60
C ILE A 300 -11.31 21.24 -11.51
N ILE A 301 -12.28 21.60 -10.69
CA ILE A 301 -12.77 23.00 -10.64
C ILE A 301 -11.67 23.92 -10.07
N ALA A 302 -10.82 23.41 -9.17
CA ALA A 302 -9.77 24.22 -8.50
C ALA A 302 -8.58 24.43 -9.43
N ILE A 303 -8.15 23.38 -10.15
CA ILE A 303 -6.91 23.38 -10.99
C ILE A 303 -6.91 24.58 -11.94
N LYS A 304 -5.77 25.19 -12.12
CA LYS A 304 -5.59 26.28 -13.10
C LYS A 304 -5.37 25.71 -14.50
N ASP A 305 -4.59 24.66 -14.66
CA ASP A 305 -4.20 24.17 -16.01
C ASP A 305 -4.32 22.66 -16.06
N LEU A 306 -5.43 22.16 -16.60
CA LEU A 306 -5.71 20.72 -16.81
C LEU A 306 -4.50 20.00 -17.42
N GLU A 307 -3.87 20.59 -18.42
CA GLU A 307 -2.76 19.91 -19.15
C GLU A 307 -1.57 19.67 -18.21
N VAL A 308 -1.25 20.62 -17.34
CA VAL A 308 -0.12 20.42 -16.40
C VAL A 308 -0.45 19.20 -15.54
N VAL A 309 -1.70 19.08 -15.12
CA VAL A 309 -2.09 17.99 -14.18
C VAL A 309 -2.23 16.71 -14.97
N ALA A 310 -2.69 16.77 -16.22
CA ALA A 310 -2.74 15.56 -17.06
C ALA A 310 -1.33 15.04 -17.30
N ARG A 311 -0.37 15.94 -17.53
CA ARG A 311 1.04 15.54 -17.68
C ARG A 311 1.44 14.87 -16.38
N GLN A 312 1.39 15.64 -15.30
CA GLN A 312 1.94 15.17 -14.01
C GLN A 312 1.35 13.80 -13.68
N LEU A 313 0.06 13.64 -13.85
CA LEU A 313 -0.62 12.35 -13.57
C LEU A 313 -0.16 11.27 -14.57
N GLY A 314 0.05 11.66 -15.83
CA GLY A 314 0.55 10.74 -16.87
C GLY A 314 1.94 10.21 -16.54
N MET A 315 2.84 11.12 -16.19
CA MET A 315 4.20 10.79 -15.73
C MET A 315 4.15 9.92 -14.49
N TYR A 316 3.16 10.12 -13.64
CA TYR A 316 2.90 9.26 -12.46
C TYR A 316 2.60 7.83 -12.91
N MET A 317 1.79 7.67 -13.95
CA MET A 317 1.48 6.33 -14.51
C MET A 317 2.73 5.73 -15.15
N VAL A 318 3.59 6.54 -15.78
CA VAL A 318 4.78 5.97 -16.48
C VAL A 318 5.74 5.45 -15.41
N THR A 319 5.83 6.17 -14.31
CA THR A 319 6.71 5.81 -13.18
C THR A 319 6.30 4.49 -12.57
N VAL A 320 5.00 4.30 -12.35
CA VAL A 320 4.52 3.02 -11.77
C VAL A 320 4.81 1.89 -12.76
N ILE A 321 4.54 2.05 -14.05
CA ILE A 321 4.75 0.95 -15.05
C ILE A 321 6.26 0.69 -15.17
N ILE A 322 7.10 1.72 -15.15
CA ILE A 322 8.59 1.53 -15.16
C ILE A 322 8.92 0.59 -14.00
N GLY A 323 8.59 0.99 -12.77
CA GLY A 323 8.89 0.22 -11.57
C GLY A 323 8.32 -1.20 -11.61
N LEU A 324 7.05 -1.36 -11.98
CA LEU A 324 6.48 -2.72 -12.15
C LEU A 324 7.33 -3.48 -13.17
N ILE A 325 7.79 -2.84 -14.26
CA ILE A 325 8.65 -3.52 -15.29
C ILE A 325 9.98 -3.88 -14.64
N ILE A 326 10.64 -2.90 -14.02
CA ILE A 326 11.94 -3.21 -13.36
C ILE A 326 11.70 -4.29 -12.32
N HIS A 327 10.71 -4.12 -11.46
CA HIS A 327 10.52 -5.05 -10.32
C HIS A 327 10.12 -6.43 -10.87
N GLY A 328 9.09 -6.48 -11.71
CA GLY A 328 8.58 -7.74 -12.29
C GLY A 328 9.59 -8.40 -13.21
N GLY A 329 10.28 -7.60 -14.03
CA GLY A 329 10.98 -8.08 -15.25
C GLY A 329 12.46 -8.28 -15.07
N ILE A 330 13.04 -7.79 -13.99
CA ILE A 330 14.52 -7.79 -13.83
C ILE A 330 14.80 -8.33 -12.44
N PHE A 331 14.44 -7.56 -11.41
CA PHE A 331 14.75 -7.89 -10.00
C PHE A 331 14.25 -9.29 -9.63
N LEU A 332 12.98 -9.58 -9.84
CA LEU A 332 12.43 -10.89 -9.39
C LEU A 332 13.09 -12.06 -10.12
N PRO A 333 13.15 -12.07 -11.48
CA PRO A 333 13.87 -13.12 -12.22
C PRO A 333 15.34 -13.22 -11.80
N LEU A 334 16.03 -12.07 -11.74
CA LEU A 334 17.45 -11.98 -11.28
C LEU A 334 17.58 -12.64 -9.91
N ILE A 335 16.74 -12.30 -8.95
CA ILE A 335 16.79 -12.93 -7.60
C ILE A 335 16.51 -14.44 -7.72
N TYR A 336 15.67 -14.90 -8.66
CA TYR A 336 15.43 -16.35 -8.86
C TYR A 336 16.72 -17.01 -9.37
N PHE A 337 17.29 -16.48 -10.43
CA PHE A 337 18.54 -17.01 -11.03
C PHE A 337 19.67 -17.00 -9.98
N VAL A 338 19.81 -15.90 -9.23
CA VAL A 338 20.89 -15.77 -8.21
C VAL A 338 20.74 -16.89 -7.16
N VAL A 339 19.51 -17.28 -6.82
CA VAL A 339 19.25 -18.31 -5.77
C VAL A 339 19.14 -19.69 -6.43
N THR A 340 18.50 -19.80 -7.59
CA THR A 340 18.18 -21.11 -8.24
C THR A 340 19.19 -21.44 -9.33
N ARG A 341 20.01 -20.48 -9.78
CA ARG A 341 20.98 -20.72 -10.89
C ARG A 341 20.22 -21.35 -12.06
N LYS A 342 18.90 -21.15 -12.12
CA LYS A 342 18.02 -21.78 -13.11
C LYS A 342 17.68 -20.69 -14.12
N ASN A 343 17.13 -21.10 -15.26
CA ASN A 343 16.76 -20.18 -16.37
C ASN A 343 15.42 -19.54 -16.00
N PRO A 344 15.37 -18.22 -15.67
CA PRO A 344 14.10 -17.54 -15.39
C PRO A 344 13.13 -17.47 -16.58
N PHE A 345 13.68 -17.42 -17.79
CA PHE A 345 12.90 -17.34 -19.05
C PHE A 345 12.13 -18.65 -19.23
N SER A 346 12.76 -19.78 -18.87
CA SER A 346 12.06 -21.08 -18.68
C SER A 346 10.92 -20.91 -17.67
N PHE A 347 11.23 -20.30 -16.52
CA PHE A 347 10.31 -20.20 -15.35
C PHE A 347 9.04 -19.45 -15.75
N PHE A 348 9.22 -18.26 -16.34
CA PHE A 348 8.11 -17.45 -16.91
C PHE A 348 7.25 -18.28 -17.88
N ALA A 349 7.88 -19.08 -18.73
CA ALA A 349 7.20 -19.94 -19.74
C ALA A 349 6.04 -20.70 -19.07
N GLY A 350 6.29 -21.28 -17.89
CA GLY A 350 5.27 -22.02 -17.14
C GLY A 350 4.13 -21.14 -16.64
N ILE A 351 4.48 -20.01 -16.01
CA ILE A 351 3.49 -19.18 -15.25
C ILE A 351 2.73 -18.28 -16.21
N PHE A 352 3.10 -18.20 -17.49
CA PHE A 352 2.46 -17.25 -18.43
C PHE A 352 0.93 -17.38 -18.42
N GLN A 353 0.38 -18.58 -18.25
CA GLN A 353 -1.09 -18.74 -18.10
C GLN A 353 -1.59 -17.87 -16.94
N ALA A 354 -0.89 -17.91 -15.81
CA ALA A 354 -1.27 -17.14 -14.59
C ALA A 354 -1.16 -15.64 -14.88
N TRP A 355 -0.02 -15.21 -15.42
CA TRP A 355 0.27 -13.77 -15.68
C TRP A 355 -0.81 -13.18 -16.58
N ILE A 356 -1.18 -13.92 -17.62
CA ILE A 356 -2.38 -13.59 -18.46
C ILE A 356 -3.58 -13.48 -17.53
N THR A 357 -3.85 -14.51 -16.74
CA THR A 357 -5.01 -14.55 -15.81
C THR A 357 -5.02 -13.32 -14.89
N ALA A 358 -3.85 -12.95 -14.37
CA ALA A 358 -3.69 -11.80 -13.44
C ALA A 358 -4.14 -10.51 -14.13
N LEU A 359 -3.57 -10.22 -15.31
CA LEU A 359 -3.91 -8.97 -16.06
C LEU A 359 -5.42 -8.87 -16.28
N GLY A 360 -6.06 -9.97 -16.70
CA GLY A 360 -7.51 -10.02 -16.97
C GLY A 360 -8.32 -9.92 -15.69
N THR A 361 -8.04 -10.80 -14.73
CA THR A 361 -8.82 -10.91 -13.47
C THR A 361 -8.61 -9.65 -12.62
N ALA A 362 -7.38 -9.10 -12.61
CA ALA A 362 -6.97 -8.00 -11.69
C ALA A 362 -7.12 -8.46 -10.24
N SER A 363 -7.18 -9.76 -9.99
CA SER A 363 -7.26 -10.33 -8.63
C SER A 363 -6.31 -11.50 -8.53
N SER A 364 -5.49 -11.52 -7.50
CA SER A 364 -4.57 -12.64 -7.23
C SER A 364 -5.34 -13.82 -6.64
N ALA A 365 -6.54 -13.58 -6.08
CA ALA A 365 -7.41 -14.62 -5.50
C ALA A 365 -8.06 -15.44 -6.62
N GLY A 366 -8.55 -14.78 -7.66
CA GLY A 366 -9.09 -15.43 -8.87
C GLY A 366 -8.01 -16.12 -9.69
N THR A 367 -6.80 -15.56 -9.67
CA THR A 367 -5.60 -16.09 -10.37
C THR A 367 -5.05 -17.31 -9.63
N LEU A 368 -5.49 -17.52 -8.38
CA LEU A 368 -4.89 -18.49 -7.43
C LEU A 368 -4.94 -19.93 -7.97
N PRO A 369 -6.11 -20.50 -8.34
CA PRO A 369 -6.15 -21.88 -8.85
C PRO A 369 -5.33 -22.12 -10.12
N VAL A 370 -5.25 -21.09 -10.98
CA VAL A 370 -4.44 -21.12 -12.23
C VAL A 370 -2.96 -21.31 -11.88
N THR A 371 -2.47 -20.51 -10.94
CA THR A 371 -1.02 -20.44 -10.59
C THR A 371 -0.62 -21.71 -9.81
N PHE A 372 -1.58 -22.39 -9.16
CA PHE A 372 -1.31 -23.70 -8.53
C PHE A 372 -0.98 -24.66 -9.66
N ARG A 373 -1.83 -24.65 -10.67
CA ARG A 373 -1.66 -25.53 -11.83
C ARG A 373 -0.30 -25.26 -12.49
N CYS A 374 -0.02 -23.99 -12.75
CA CYS A 374 1.18 -23.60 -13.54
C CYS A 374 2.48 -24.03 -12.86
N LEU A 375 2.52 -24.09 -11.54
CA LEU A 375 3.76 -24.46 -10.79
C LEU A 375 3.77 -25.95 -10.50
N GLU A 376 2.60 -26.54 -10.26
CA GLU A 376 2.48 -28.00 -9.97
C GLU A 376 2.74 -28.80 -11.25
N GLU A 377 2.15 -28.39 -12.37
CA GLU A 377 2.17 -29.16 -13.65
C GLU A 377 3.42 -28.76 -14.45
N ASN A 378 3.62 -27.47 -14.72
CA ASN A 378 4.59 -27.02 -15.77
C ASN A 378 5.99 -26.98 -15.18
N LEU A 379 6.16 -26.27 -14.06
CA LEU A 379 7.47 -26.18 -13.35
C LEU A 379 7.71 -27.43 -12.53
N GLY A 380 6.63 -28.09 -12.08
CA GLY A 380 6.74 -29.34 -11.29
C GLY A 380 7.20 -29.06 -9.87
N ILE A 381 6.67 -28.02 -9.24
CA ILE A 381 7.03 -27.63 -7.85
C ILE A 381 6.15 -28.48 -6.92
N ASP A 382 6.76 -28.99 -5.84
CA ASP A 382 6.12 -29.95 -4.92
C ASP A 382 4.87 -29.29 -4.34
N LYS A 383 3.71 -29.95 -4.50
CA LYS A 383 2.41 -29.40 -4.02
C LYS A 383 2.59 -28.78 -2.63
N ARG A 384 3.28 -29.48 -1.73
CA ARG A 384 3.51 -29.00 -0.34
C ARG A 384 4.03 -27.55 -0.36
N VAL A 385 5.08 -27.29 -1.15
CA VAL A 385 5.78 -25.97 -1.15
C VAL A 385 4.85 -24.95 -1.79
N THR A 386 4.19 -25.34 -2.88
CA THR A 386 3.09 -24.54 -3.47
C THR A 386 2.00 -24.26 -2.43
N ARG A 387 1.29 -25.30 -2.00
CA ARG A 387 0.08 -25.23 -1.15
C ARG A 387 0.25 -24.27 0.03
N PHE A 388 1.40 -24.27 0.67
CA PHE A 388 1.71 -23.27 1.71
C PHE A 388 1.78 -21.88 1.09
N VAL A 389 2.66 -21.72 0.11
CA VAL A 389 3.28 -20.42 -0.29
C VAL A 389 2.34 -19.62 -1.19
N LEU A 390 1.62 -20.27 -2.07
CA LEU A 390 0.72 -19.56 -3.02
C LEU A 390 -0.44 -18.84 -2.33
N PRO A 391 -1.20 -19.46 -1.40
CA PRO A 391 -2.36 -18.81 -0.81
C PRO A 391 -1.98 -17.80 0.28
N VAL A 392 -0.93 -18.09 1.05
CA VAL A 392 -0.33 -17.11 1.98
C VAL A 392 0.16 -15.89 1.21
N GLY A 393 0.96 -16.11 0.17
CA GLY A 393 1.49 -15.05 -0.73
C GLY A 393 0.38 -14.23 -1.37
N ALA A 394 -0.80 -14.81 -1.59
CA ALA A 394 -1.94 -14.12 -2.21
C ALA A 394 -2.58 -13.11 -1.25
N THR A 395 -2.12 -13.04 -0.01
CA THR A 395 -2.62 -12.06 0.98
C THR A 395 -1.47 -11.16 1.42
N ILE A 396 -0.25 -11.67 1.59
CA ILE A 396 0.84 -10.82 2.19
C ILE A 396 1.89 -10.42 1.16
N ASN A 397 2.16 -11.20 0.11
CA ASN A 397 3.14 -10.74 -0.90
C ASN A 397 2.41 -9.91 -1.95
N MET A 398 2.74 -8.62 -2.02
CA MET A 398 2.15 -7.67 -3.00
C MET A 398 3.22 -6.64 -3.35
N ASP A 399 4.32 -7.17 -3.87
CA ASP A 399 5.47 -6.37 -4.31
C ASP A 399 4.92 -5.17 -5.08
N GLY A 400 4.13 -5.45 -6.10
CA GLY A 400 3.56 -4.45 -7.01
C GLY A 400 2.66 -3.47 -6.30
N THR A 401 1.88 -3.92 -5.32
CA THR A 401 1.05 -2.96 -4.54
C THR A 401 1.97 -2.17 -3.63
N ALA A 402 3.10 -2.73 -3.17
CA ALA A 402 4.05 -1.91 -2.37
C ALA A 402 4.63 -0.77 -3.21
N LEU A 403 5.03 -1.05 -4.44
CA LEU A 403 5.78 -0.09 -5.28
C LEU A 403 4.80 1.03 -5.61
N TYR A 404 3.58 0.68 -5.96
CA TYR A 404 2.52 1.66 -6.33
C TYR A 404 2.30 2.69 -5.22
N GLU A 405 2.21 2.20 -4.00
CA GLU A 405 1.86 3.00 -2.81
C GLU A 405 3.01 3.97 -2.52
N ALA A 406 4.25 3.49 -2.54
CA ALA A 406 5.48 4.33 -2.46
C ALA A 406 5.49 5.40 -3.55
N VAL A 407 5.31 5.02 -4.81
CA VAL A 407 5.26 6.00 -5.93
C VAL A 407 4.14 6.99 -5.63
N ALA A 408 2.92 6.52 -5.44
CA ALA A 408 1.72 7.36 -5.20
C ALA A 408 1.96 8.37 -4.07
N ALA A 409 2.52 7.92 -2.94
CA ALA A 409 2.74 8.78 -1.76
C ALA A 409 3.62 9.98 -2.12
N ILE A 410 4.77 9.73 -2.74
CA ILE A 410 5.76 10.80 -3.04
C ILE A 410 5.18 11.66 -4.19
N PHE A 411 4.40 11.07 -5.10
CA PHE A 411 3.72 11.83 -6.18
C PHE A 411 2.79 12.87 -5.56
N ILE A 412 2.01 12.45 -4.54
CA ILE A 412 1.12 13.38 -3.79
C ILE A 412 2.02 14.41 -3.10
N ALA A 413 3.09 13.96 -2.44
CA ALA A 413 4.02 14.90 -1.76
C ALA A 413 4.51 15.92 -2.79
N GLN A 414 4.95 15.43 -3.94
CA GLN A 414 5.62 16.28 -4.94
C GLN A 414 4.60 17.27 -5.48
N MET A 415 3.42 16.76 -5.87
CA MET A 415 2.29 17.62 -6.31
C MET A 415 2.02 18.72 -5.30
N ASN A 416 2.09 18.42 -4.00
CA ASN A 416 1.74 19.44 -2.97
C ASN A 416 3.02 20.15 -2.52
N GLY A 417 3.99 20.32 -3.43
CA GLY A 417 5.23 21.08 -3.22
C GLY A 417 5.87 20.82 -1.87
N VAL A 418 5.99 19.55 -1.51
CA VAL A 418 6.60 19.10 -0.25
C VAL A 418 7.84 18.32 -0.66
N VAL A 419 9.00 18.66 -0.11
CA VAL A 419 10.19 17.79 -0.22
C VAL A 419 10.19 16.94 1.05
N LEU A 420 10.23 15.63 0.86
CA LEU A 420 10.38 14.69 1.99
C LEU A 420 11.85 14.63 2.42
N ASP A 421 12.08 14.82 3.71
CA ASP A 421 13.37 14.52 4.41
C ASP A 421 13.67 13.02 4.37
N GLY A 422 14.93 12.67 4.58
CA GLY A 422 15.42 11.27 4.54
C GLY A 422 14.59 10.33 5.39
N GLY A 423 14.09 10.78 6.55
CA GLY A 423 13.23 9.98 7.44
C GLY A 423 11.84 9.78 6.86
N GLN A 424 11.24 10.85 6.33
CA GLN A 424 9.95 10.76 5.59
C GLN A 424 10.06 9.68 4.52
N ILE A 425 11.10 9.74 3.71
CA ILE A 425 11.31 8.77 2.59
C ILE A 425 11.53 7.38 3.21
N VAL A 426 12.07 7.27 4.43
CA VAL A 426 12.20 5.91 5.03
C VAL A 426 10.85 5.47 5.59
N THR A 427 10.03 6.41 6.06
CA THR A 427 8.69 6.12 6.60
C THR A 427 7.84 5.58 5.45
N VAL A 428 7.77 6.37 4.37
CA VAL A 428 7.19 5.90 3.08
C VAL A 428 7.65 4.47 2.75
N SER A 429 8.93 4.15 2.72
CA SER A 429 9.29 2.76 2.39
C SER A 429 8.68 1.77 3.39
N LEU A 430 8.71 2.06 4.69
CA LEU A 430 8.24 1.08 5.71
C LEU A 430 6.71 1.04 5.71
N THR A 431 6.04 2.16 5.53
CA THR A 431 4.56 2.17 5.56
C THR A 431 4.04 1.58 4.24
N ALA A 432 4.60 2.00 3.11
CA ALA A 432 4.37 1.33 1.79
C ALA A 432 4.50 -0.19 1.93
N THR A 433 5.58 -0.70 2.51
CA THR A 433 5.67 -2.16 2.73
C THR A 433 4.44 -2.65 3.48
N LEU A 434 4.21 -2.17 4.71
CA LEU A 434 3.10 -2.67 5.60
C LEU A 434 1.74 -2.52 4.89
N ALA A 435 1.47 -1.32 4.38
CA ALA A 435 0.21 -0.93 3.71
C ALA A 435 -0.10 -1.87 2.55
N SER A 436 0.91 -2.20 1.73
CA SER A 436 0.87 -3.31 0.74
C SER A 436 0.27 -4.56 1.37
N VAL A 437 0.88 -5.00 2.47
CA VAL A 437 0.57 -6.30 3.11
C VAL A 437 -0.90 -6.30 3.53
N GLY A 438 -1.43 -5.13 3.85
CA GLY A 438 -2.76 -4.98 4.42
C GLY A 438 -3.79 -4.50 3.45
N ALA A 439 -3.39 -3.78 2.40
CA ALA A 439 -4.27 -3.54 1.24
C ALA A 439 -4.69 -4.92 0.69
N ALA A 440 -3.83 -5.92 0.81
CA ALA A 440 -4.13 -7.29 0.35
C ALA A 440 -4.87 -8.12 1.39
N SER A 441 -4.54 -7.96 2.68
CA SER A 441 -5.10 -8.80 3.78
C SER A 441 -6.49 -8.28 4.20
N ILE A 442 -6.73 -6.97 4.13
CA ILE A 442 -8.00 -6.37 4.62
C ILE A 442 -8.85 -6.02 3.40
N PRO A 443 -10.11 -6.52 3.30
CA PRO A 443 -10.94 -6.30 2.11
C PRO A 443 -11.43 -4.86 2.00
N SER A 444 -11.30 -4.25 0.81
CA SER A 444 -11.66 -2.84 0.50
C SER A 444 -10.90 -1.86 1.43
N ALA A 445 -9.65 -2.16 1.73
CA ALA A 445 -8.76 -1.31 2.57
C ALA A 445 -7.74 -0.54 1.71
N GLY A 446 -7.77 -0.72 0.39
CA GLY A 446 -6.88 -0.04 -0.57
C GLY A 446 -6.73 1.44 -0.30
N LEU A 447 -7.87 2.11 -0.16
CA LEU A 447 -7.93 3.56 0.13
C LEU A 447 -7.52 3.88 1.57
N VAL A 448 -7.96 3.07 2.55
CA VAL A 448 -7.54 3.20 3.99
C VAL A 448 -6.01 3.22 3.99
N THR A 449 -5.39 2.18 3.46
CA THR A 449 -3.91 1.99 3.39
C THR A 449 -3.21 3.13 2.64
N MET A 450 -3.83 3.74 1.64
CA MET A 450 -3.24 4.96 1.05
C MET A 450 -3.19 6.08 2.09
N LEU A 451 -4.32 6.39 2.72
CA LEU A 451 -4.42 7.39 3.82
C LEU A 451 -3.46 7.05 4.96
N LEU A 452 -3.21 5.76 5.23
CA LEU A 452 -2.18 5.41 6.24
C LEU A 452 -0.86 6.01 5.81
N ILE A 453 -0.48 5.79 4.55
CA ILE A 453 0.85 6.23 4.04
C ILE A 453 0.88 7.76 4.10
N LEU A 454 -0.14 8.44 3.57
CA LEU A 454 -0.16 9.93 3.48
C LEU A 454 -0.11 10.52 4.90
N THR A 455 -0.89 9.95 5.82
CA THR A 455 -0.95 10.44 7.23
C THR A 455 0.41 10.23 7.91
N ALA A 456 1.05 9.08 7.69
CA ALA A 456 2.37 8.76 8.27
C ALA A 456 3.41 9.82 7.90
N VAL A 457 3.32 10.38 6.69
CA VAL A 457 4.30 11.38 6.18
C VAL A 457 3.66 12.77 6.30
N GLY A 458 2.47 12.90 6.90
CA GLY A 458 1.74 14.17 7.03
C GLY A 458 1.56 14.87 5.70
N LEU A 459 0.88 14.21 4.76
CA LEU A 459 0.68 14.77 3.40
C LEU A 459 -0.78 15.16 3.22
N PRO A 460 -1.09 16.24 2.45
CA PRO A 460 -2.48 16.53 2.05
C PRO A 460 -3.08 15.27 1.42
N THR A 461 -4.30 14.92 1.81
CA THR A 461 -4.93 13.61 1.46
C THR A 461 -5.88 13.75 0.26
N GLU A 462 -6.46 14.92 0.03
CA GLU A 462 -7.47 15.10 -1.05
C GLU A 462 -6.94 14.74 -2.44
N ASP A 463 -5.65 14.70 -2.65
CA ASP A 463 -5.08 14.41 -3.98
C ASP A 463 -5.19 12.94 -4.29
N ILE A 464 -5.47 12.12 -3.27
CA ILE A 464 -5.79 10.68 -3.48
C ILE A 464 -6.82 10.52 -4.62
N SER A 465 -7.64 11.54 -4.87
CA SER A 465 -8.68 11.51 -5.95
C SER A 465 -8.12 11.17 -7.33
N LEU A 466 -7.04 11.81 -7.75
CA LEU A 466 -6.41 11.56 -9.08
C LEU A 466 -5.89 10.13 -9.17
N LEU A 467 -5.39 9.60 -8.05
CA LEU A 467 -4.88 8.22 -7.98
C LEU A 467 -6.05 7.25 -8.11
N VAL A 468 -7.16 7.52 -7.41
CA VAL A 468 -8.40 6.70 -7.55
C VAL A 468 -8.81 6.73 -9.02
N ALA A 469 -8.67 7.90 -9.67
CA ALA A 469 -9.01 8.10 -11.09
C ALA A 469 -8.20 7.17 -12.00
N VAL A 470 -6.88 7.10 -11.84
CA VAL A 470 -6.02 6.28 -12.76
C VAL A 470 -5.80 4.86 -12.20
N ASP A 471 -6.33 4.56 -11.01
CA ASP A 471 -6.04 3.30 -10.28
C ASP A 471 -6.49 2.10 -11.12
N TRP A 472 -7.67 2.19 -11.73
CA TRP A 472 -8.31 1.13 -12.55
C TRP A 472 -7.43 0.60 -13.69
N LEU A 473 -6.59 1.43 -14.31
CA LEU A 473 -5.69 0.94 -15.37
C LEU A 473 -4.53 0.22 -14.72
N LEU A 474 -4.03 0.82 -13.67
CA LEU A 474 -2.83 0.34 -12.95
C LEU A 474 -3.10 -0.95 -12.16
N ASP A 475 -4.34 -1.17 -11.71
CA ASP A 475 -4.70 -2.31 -10.83
C ASP A 475 -4.49 -3.67 -11.53
N ARG A 476 -4.70 -3.75 -12.83
CA ARG A 476 -4.47 -4.99 -13.61
C ARG A 476 -2.96 -5.26 -13.73
N MET A 477 -2.16 -4.19 -13.84
CA MET A 477 -0.71 -4.29 -14.10
C MET A 477 0.03 -4.63 -12.83
N ARG A 478 -0.33 -3.99 -11.73
CA ARG A 478 0.28 -4.30 -10.42
C ARG A 478 -0.21 -5.69 -9.97
N THR A 479 -1.48 -6.05 -10.21
CA THR A 479 -1.92 -7.45 -9.93
C THR A 479 -1.03 -8.48 -10.63
N SER A 480 -0.55 -8.16 -11.83
CA SER A 480 0.35 -9.06 -12.60
C SER A 480 1.66 -9.22 -11.85
N VAL A 481 2.39 -8.11 -11.65
CA VAL A 481 3.64 -8.13 -10.83
C VAL A 481 3.37 -8.80 -9.48
N ASN A 482 2.22 -8.52 -8.84
CA ASN A 482 1.85 -9.16 -7.54
C ASN A 482 1.86 -10.70 -7.63
N VAL A 483 1.26 -11.26 -8.67
CA VAL A 483 1.20 -12.74 -8.84
C VAL A 483 2.61 -13.25 -9.14
N VAL A 484 3.29 -12.67 -10.14
CA VAL A 484 4.62 -13.14 -10.64
C VAL A 484 5.56 -13.33 -9.44
N GLY A 485 5.57 -12.35 -8.54
CA GLY A 485 6.31 -12.40 -7.28
C GLY A 485 6.02 -13.66 -6.48
N ASP A 486 4.74 -13.96 -6.28
CA ASP A 486 4.32 -15.12 -5.43
C ASP A 486 4.87 -16.38 -6.09
N SER A 487 4.67 -16.45 -7.40
CA SER A 487 5.12 -17.57 -8.26
C SER A 487 6.62 -17.78 -8.07
N PHE A 488 7.45 -16.76 -8.33
CA PHE A 488 8.93 -16.91 -8.19
C PHE A 488 9.28 -17.44 -6.80
N GLY A 489 8.66 -16.86 -5.76
CA GLY A 489 8.72 -17.37 -4.37
C GLY A 489 8.53 -18.87 -4.25
N ALA A 490 7.42 -19.41 -4.79
CA ALA A 490 7.21 -20.87 -4.82
C ALA A 490 8.50 -21.54 -5.32
N GLY A 491 9.06 -20.97 -6.39
CA GLY A 491 10.33 -21.41 -6.99
C GLY A 491 11.48 -21.36 -6.02
N ILE A 492 11.71 -20.19 -5.44
CA ILE A 492 12.90 -19.93 -4.58
C ILE A 492 12.77 -20.76 -3.29
N VAL A 493 11.56 -21.03 -2.83
CA VAL A 493 11.34 -21.78 -1.57
C VAL A 493 11.62 -23.26 -1.85
N TYR A 494 11.02 -23.81 -2.91
CA TYR A 494 11.21 -25.23 -3.31
C TYR A 494 12.71 -25.52 -3.50
N HIS A 495 13.42 -24.64 -4.20
CA HIS A 495 14.88 -24.82 -4.46
C HIS A 495 15.65 -24.76 -3.16
N LEU A 496 15.29 -23.81 -2.29
CA LEU A 496 15.98 -23.65 -0.98
C LEU A 496 15.46 -24.73 -0.01
N SER A 497 14.37 -25.43 -0.35
CA SER A 497 13.83 -26.58 0.41
C SER A 497 14.05 -27.88 -0.36
N LYS A 498 15.31 -28.29 -0.52
CA LYS A 498 15.70 -29.66 -0.97
C LYS A 498 16.37 -30.43 0.17
N SER A 499 16.66 -29.78 1.31
CA SER A 499 16.90 -30.45 2.62
C SER A 499 15.77 -31.45 2.88
N GLU A 500 14.53 -30.96 2.85
CA GLU A 500 13.28 -31.77 2.82
C GLU A 500 13.21 -32.65 4.08
#